data_6NZR
#
_entry.id   6NZR
#
_cell.length_a   70.430
_cell.length_b   66.480
_cell.length_c   75.390
_cell.angle_alpha   90.00
_cell.angle_beta   113.16
_cell.angle_gamma   90.00
#
_symmetry.space_group_name_H-M   'P 1 21 1'
#
loop_
_entity.id
_entity.type
_entity.pdbx_description
1 polymer 'Non-receptor tyrosine-protein kinase TYK2'
2 non-polymer N-methyl-4-{[2-(methylsulfonyl)phenyl]amino}-6-[(pyridin-2-yl)amino]pyridazine-3-carboxamide
3 non-polymer 'SULFATE ION'
4 water water
#
_entity_poly.entity_id   1
_entity_poly.type   'polypeptide(L)'
_entity_poly.pdbx_seq_one_letter_code
;MGSSHHHHHHSSGETVRFQGHMNLSQLSFHRVDQKEITQLSHLGQGTRTNVYEGRLRSEGSGDPEEGKMDDEDPLVPGRD
RGQELRVVLKVLDPSHHDIALAFYETASLMSQVSHTHLAFVHGVCVRGPENIMVTEYVEHGPLDVWLRRERGHVPMAWKM
VVAQQLASALSYLENKNLVHGNVCGRNILLARLGLAEGTSPFIKLSDPGVGLGALSREERVERIPWLAPECLPGGANSLS
TAMDKWGFGATLLEICFDGEAPLQSRSPSEKEHFYQRQHRLPEPSCPQLATLTSQCLTYEPTQRPSFRTILRDLTRL
;
_entity_poly.pdbx_strand_id   A,B
#
loop_
_chem_comp.id
_chem_comp.type
_chem_comp.name
_chem_comp.formula
LAJ non-polymer N-methyl-4-{[2-(methylsulfonyl)phenyl]amino}-6-[(pyridin-2-yl)amino]pyridazine-3-carboxamide 'C18 H18 N6 O3 S'
SO4 non-polymer 'SULFATE ION' 'O4 S -2'
#
# COMPACT_ATOMS: atom_id res chain seq x y z
N GLN A 26 5.89 -33.14 -19.41
CA GLN A 26 6.53 -32.84 -18.11
C GLN A 26 5.62 -32.01 -17.19
N LEU A 27 6.17 -31.66 -15.98
CA LEU A 27 5.58 -30.82 -14.90
C LEU A 27 5.03 -29.51 -15.49
N SER A 28 3.76 -29.15 -15.17
CA SER A 28 3.14 -27.94 -15.74
C SER A 28 3.45 -26.62 -14.96
N PHE A 29 4.60 -26.60 -14.23
CA PHE A 29 5.10 -25.45 -13.48
C PHE A 29 6.59 -25.29 -13.67
N HIS A 30 7.08 -24.05 -13.50
CA HIS A 30 8.49 -23.74 -13.60
C HIS A 30 9.26 -24.26 -12.38
N ARG A 31 10.46 -24.77 -12.61
CA ARG A 31 11.34 -25.29 -11.59
C ARG A 31 12.31 -24.21 -11.14
N VAL A 32 12.40 -23.98 -9.84
CA VAL A 32 13.29 -22.96 -9.31
C VAL A 32 14.47 -23.65 -8.63
N ASP A 33 15.70 -23.27 -8.98
CA ASP A 33 16.90 -23.82 -8.33
C ASP A 33 17.09 -23.14 -6.98
N GLN A 34 17.55 -23.89 -5.98
CA GLN A 34 17.80 -23.39 -4.62
C GLN A 34 18.83 -22.22 -4.58
N LYS A 35 19.69 -22.09 -5.61
CA LYS A 35 20.68 -20.99 -5.72
C LYS A 35 19.98 -19.66 -6.04
N GLU A 36 18.74 -19.71 -6.60
CA GLU A 36 17.96 -18.53 -7.01
C GLU A 36 17.13 -17.90 -5.84
N ILE A 37 16.93 -18.63 -4.73
CA ILE A 37 16.07 -18.15 -3.65
C ILE A 37 16.76 -17.98 -2.28
N THR A 38 16.45 -16.85 -1.62
CA THR A 38 16.86 -16.48 -0.27
C THR A 38 15.57 -16.45 0.57
N GLN A 39 15.61 -17.04 1.77
CA GLN A 39 14.51 -17.10 2.74
C GLN A 39 14.74 -16.06 3.83
N LEU A 40 13.68 -15.31 4.19
CA LEU A 40 13.78 -14.26 5.17
C LEU A 40 12.78 -14.40 6.32
N SER A 41 12.00 -13.35 6.61
CA SER A 41 11.07 -13.33 7.74
C SER A 41 9.84 -14.23 7.59
N HIS A 42 9.48 -14.91 8.70
CA HIS A 42 8.31 -15.77 8.82
C HIS A 42 7.11 -14.85 8.83
N LEU A 43 6.09 -15.16 8.02
CA LEU A 43 4.89 -14.32 7.90
C LEU A 43 3.71 -14.99 8.56
N GLY A 44 3.73 -16.32 8.59
CA GLY A 44 2.68 -17.11 9.16
C GLY A 44 2.70 -18.55 8.68
N GLN A 45 1.57 -19.25 8.90
CA GLN A 45 1.42 -20.66 8.57
C GLN A 45 0.16 -20.93 7.74
N GLY A 46 0.27 -21.92 6.86
CA GLY A 46 -0.84 -22.41 6.04
C GLY A 46 -1.07 -23.85 6.40
N THR A 47 -1.92 -24.57 5.63
CA THR A 47 -2.17 -25.99 5.89
C THR A 47 -0.86 -26.72 5.52
N ARG A 48 -0.21 -27.29 6.55
CA ARG A 48 1.05 -28.02 6.44
C ARG A 48 2.23 -27.22 5.84
N THR A 49 2.21 -25.89 5.96
CA THR A 49 3.25 -25.01 5.45
C THR A 49 3.63 -23.89 6.44
N ASN A 50 4.78 -23.25 6.17
CA ASN A 50 5.29 -22.08 6.87
C ASN A 50 5.57 -21.10 5.75
N VAL A 51 5.04 -19.91 5.89
CA VAL A 51 5.15 -18.87 4.87
C VAL A 51 6.21 -17.86 5.31
N TYR A 52 7.12 -17.53 4.37
CA TYR A 52 8.23 -16.59 4.56
C TYR A 52 8.22 -15.57 3.45
N GLU A 53 8.86 -14.45 3.76
CA GLU A 53 9.19 -13.43 2.80
C GLU A 53 10.51 -13.96 2.19
N GLY A 54 10.74 -13.68 0.92
CA GLY A 54 11.94 -14.15 0.26
C GLY A 54 12.36 -13.31 -0.92
N ARG A 55 13.55 -13.62 -1.47
CA ARG A 55 14.04 -12.94 -2.66
C ARG A 55 14.34 -13.97 -3.72
N LEU A 56 13.90 -13.69 -4.94
CA LEU A 56 14.11 -14.55 -6.09
C LEU A 56 15.00 -13.78 -7.06
N ARG A 57 16.18 -14.34 -7.42
CA ARG A 57 17.12 -13.69 -8.34
C ARG A 57 16.56 -13.65 -9.77
N GLU A 84 16.85 -9.29 -8.11
CA GLU A 84 16.31 -9.79 -6.85
C GLU A 84 14.86 -9.31 -6.54
N LEU A 85 13.82 -10.07 -7.00
CA LEU A 85 12.38 -9.86 -6.81
C LEU A 85 11.95 -10.27 -5.42
N ARG A 86 11.05 -9.47 -4.81
CA ARG A 86 10.50 -9.84 -3.51
C ARG A 86 9.36 -10.85 -3.77
N VAL A 87 9.43 -11.97 -3.05
CA VAL A 87 8.49 -13.09 -3.20
C VAL A 87 8.04 -13.63 -1.84
N VAL A 88 7.10 -14.58 -1.89
CA VAL A 88 6.62 -15.32 -0.75
C VAL A 88 7.04 -16.79 -0.98
N LEU A 89 7.60 -17.41 0.05
CA LEU A 89 8.04 -18.78 -0.01
C LEU A 89 7.15 -19.61 0.90
N LYS A 90 6.43 -20.58 0.31
CA LYS A 90 5.55 -21.48 1.02
C LYS A 90 6.28 -22.81 1.18
N VAL A 91 6.91 -22.96 2.35
CA VAL A 91 7.67 -24.15 2.68
C VAL A 91 6.77 -25.28 3.23
N LEU A 92 6.58 -26.37 2.45
CA LEU A 92 5.79 -27.54 2.85
C LEU A 92 6.56 -28.29 3.94
N ASP A 93 5.85 -28.79 4.97
CA ASP A 93 6.38 -29.59 6.07
C ASP A 93 6.99 -30.89 5.53
N PRO A 94 7.89 -31.61 6.26
CA PRO A 94 8.33 -32.94 5.75
C PRO A 94 7.05 -33.74 5.59
N SER A 95 6.82 -34.19 4.34
CA SER A 95 5.55 -34.80 3.92
C SER A 95 5.72 -36.05 3.13
N HIS A 96 4.63 -36.83 3.06
N HIS A 96 4.63 -36.83 3.05
CA HIS A 96 4.54 -38.03 2.26
CA HIS A 96 4.52 -38.03 2.24
C HIS A 96 4.31 -37.60 0.79
C HIS A 96 4.31 -37.60 0.79
N HIS A 97 4.65 -38.49 -0.17
CA HIS A 97 4.54 -38.27 -1.63
C HIS A 97 3.15 -37.84 -2.09
N ASP A 98 2.07 -38.30 -1.41
CA ASP A 98 0.70 -37.88 -1.76
C ASP A 98 0.41 -36.43 -1.41
N ILE A 99 1.10 -35.90 -0.37
CA ILE A 99 0.94 -34.50 0.04
C ILE A 99 1.72 -33.62 -0.92
N ALA A 100 3.00 -33.98 -1.20
CA ALA A 100 3.86 -33.29 -2.16
C ALA A 100 3.17 -33.23 -3.52
N LEU A 101 2.57 -34.34 -3.98
CA LEU A 101 1.82 -34.42 -5.24
C LEU A 101 0.60 -33.47 -5.31
N ALA A 102 -0.12 -33.31 -4.20
CA ALA A 102 -1.25 -32.39 -4.07
C ALA A 102 -0.79 -30.92 -4.09
N PHE A 103 0.44 -30.68 -3.60
CA PHE A 103 1.11 -29.40 -3.60
C PHE A 103 1.57 -29.07 -5.04
N TYR A 104 2.13 -30.07 -5.77
CA TYR A 104 2.60 -29.91 -7.17
C TYR A 104 1.44 -29.58 -8.08
N GLU A 105 0.28 -30.22 -7.85
CA GLU A 105 -0.97 -29.99 -8.59
C GLU A 105 -1.43 -28.53 -8.42
N THR A 106 -1.32 -27.96 -7.22
CA THR A 106 -1.67 -26.56 -6.95
C THR A 106 -0.77 -25.62 -7.77
N ALA A 107 0.56 -25.83 -7.74
CA ALA A 107 1.54 -25.08 -8.50
C ALA A 107 1.25 -25.18 -10.03
N SER A 108 0.93 -26.40 -10.49
CA SER A 108 0.58 -26.70 -11.87
C SER A 108 -0.61 -25.89 -12.33
N LEU A 109 -1.70 -25.96 -11.58
CA LEU A 109 -2.93 -25.23 -11.82
C LEU A 109 -2.69 -23.71 -11.89
N MET A 110 -1.92 -23.18 -10.95
CA MET A 110 -1.67 -21.76 -10.83
C MET A 110 -0.82 -21.19 -11.93
N SER A 111 0.08 -22.03 -12.46
CA SER A 111 0.97 -21.67 -13.54
C SER A 111 0.20 -21.59 -14.89
N GLN A 112 -0.91 -22.34 -15.00
CA GLN A 112 -1.77 -22.41 -16.17
C GLN A 112 -2.88 -21.35 -16.19
N VAL A 113 -2.90 -20.44 -15.19
CA VAL A 113 -3.92 -19.37 -15.07
C VAL A 113 -3.31 -17.97 -15.09
N SER A 114 -4.08 -17.01 -15.58
CA SER A 114 -3.65 -15.63 -15.62
C SER A 114 -4.84 -14.72 -15.49
N HIS A 115 -4.92 -14.03 -14.36
CA HIS A 115 -6.01 -13.11 -14.05
C HIS A 115 -5.47 -12.06 -13.10
N THR A 116 -5.97 -10.84 -13.27
CA THR A 116 -5.63 -9.60 -12.56
C THR A 116 -5.88 -9.76 -11.02
N HIS A 117 -6.80 -10.65 -10.64
CA HIS A 117 -7.14 -10.92 -9.24
C HIS A 117 -6.68 -12.31 -8.71
N LEU A 118 -5.74 -12.97 -9.39
CA LEU A 118 -5.18 -14.23 -8.91
C LEU A 118 -3.71 -14.00 -8.70
N ALA A 119 -3.16 -14.45 -7.56
CA ALA A 119 -1.73 -14.27 -7.27
C ALA A 119 -0.91 -15.20 -8.18
N PHE A 120 0.23 -14.71 -8.63
CA PHE A 120 1.15 -15.36 -9.53
C PHE A 120 2.03 -16.36 -8.78
N VAL A 121 2.36 -17.46 -9.45
CA VAL A 121 3.25 -18.54 -8.97
C VAL A 121 4.45 -18.54 -9.88
N HIS A 122 5.63 -18.34 -9.29
CA HIS A 122 6.90 -18.32 -10.02
C HIS A 122 7.38 -19.72 -10.36
N GLY A 123 7.13 -20.67 -9.47
CA GLY A 123 7.54 -22.05 -9.64
C GLY A 123 7.70 -22.80 -8.33
N VAL A 124 8.43 -23.94 -8.40
CA VAL A 124 8.67 -24.82 -7.25
C VAL A 124 10.14 -25.18 -7.16
N CYS A 125 10.63 -25.20 -5.92
CA CYS A 125 11.97 -25.60 -5.55
C CYS A 125 11.92 -26.89 -4.75
N VAL A 126 12.69 -27.90 -5.15
CA VAL A 126 12.76 -29.17 -4.44
C VAL A 126 14.16 -29.38 -3.83
N ARG A 127 14.40 -28.78 -2.66
CA ARG A 127 15.68 -28.95 -1.99
C ARG A 127 15.65 -30.22 -1.10
N GLY A 128 15.66 -31.41 -1.74
CA GLY A 128 15.67 -32.71 -1.07
C GLY A 128 14.42 -33.07 -0.30
N PRO A 129 14.41 -33.02 1.07
CA PRO A 129 13.17 -33.38 1.79
C PRO A 129 12.18 -32.22 1.92
N GLU A 130 12.43 -31.11 1.18
CA GLU A 130 11.64 -29.88 1.25
C GLU A 130 11.10 -29.40 -0.08
N ASN A 131 9.82 -28.97 -0.05
CA ASN A 131 9.07 -28.43 -1.18
C ASN A 131 8.68 -27.01 -0.89
N ILE A 132 9.19 -26.07 -1.69
CA ILE A 132 8.95 -24.62 -1.54
C ILE A 132 8.24 -24.13 -2.76
N MET A 133 7.06 -23.53 -2.58
CA MET A 133 6.38 -22.91 -3.69
C MET A 133 6.73 -21.43 -3.63
N VAL A 134 7.27 -20.91 -4.71
CA VAL A 134 7.69 -19.52 -4.85
C VAL A 134 6.54 -18.80 -5.56
N THR A 135 5.91 -17.84 -4.83
CA THR A 135 4.73 -17.11 -5.28
C THR A 135 4.94 -15.58 -5.19
N GLU A 136 4.00 -14.81 -5.74
CA GLU A 136 3.94 -13.35 -5.69
C GLU A 136 3.80 -12.85 -4.22
N TYR A 137 4.47 -11.71 -3.86
CA TYR A 137 4.35 -11.10 -2.53
C TYR A 137 3.31 -9.99 -2.71
N VAL A 138 2.32 -9.93 -1.83
CA VAL A 138 1.21 -8.98 -1.91
C VAL A 138 1.32 -8.08 -0.68
N GLU A 139 1.60 -6.78 -0.96
CA GLU A 139 1.92 -5.69 -0.04
C GLU A 139 1.27 -5.75 1.37
N HIS A 140 -0.05 -5.81 1.46
CA HIS A 140 -0.73 -5.72 2.77
C HIS A 140 -1.17 -7.05 3.39
N GLY A 141 -0.98 -8.16 2.70
CA GLY A 141 -1.24 -9.48 3.27
C GLY A 141 -2.69 -9.89 3.39
N PRO A 142 -2.96 -10.89 4.29
CA PRO A 142 -4.35 -11.43 4.42
C PRO A 142 -5.43 -10.45 4.85
N LEU A 143 -6.57 -10.54 4.16
CA LEU A 143 -7.75 -9.71 4.36
C LEU A 143 -8.36 -9.86 5.75
N ASP A 144 -8.53 -11.11 6.23
CA ASP A 144 -9.15 -11.38 7.52
C ASP A 144 -8.47 -10.64 8.69
N VAL A 145 -7.13 -10.66 8.70
CA VAL A 145 -6.28 -10.01 9.68
C VAL A 145 -6.53 -8.51 9.66
N TRP A 146 -6.57 -7.94 8.46
CA TRP A 146 -6.82 -6.54 8.23
C TRP A 146 -8.26 -6.12 8.63
N LEU A 147 -9.26 -6.98 8.35
CA LEU A 147 -10.63 -6.71 8.74
C LEU A 147 -10.75 -6.66 10.26
N ARG A 148 -9.97 -7.50 10.97
CA ARG A 148 -10.04 -7.55 12.44
C ARG A 148 -9.34 -6.36 13.10
N ARG A 149 -8.33 -5.79 12.43
CA ARG A 149 -7.59 -4.60 12.84
C ARG A 149 -8.48 -3.33 12.66
N GLU A 150 -9.31 -3.31 11.62
CA GLU A 150 -10.15 -2.21 11.19
C GLU A 150 -11.64 -2.43 11.44
N ARG A 151 -12.01 -3.38 12.33
CA ARG A 151 -13.40 -3.72 12.68
C ARG A 151 -14.23 -2.48 13.05
N GLY A 152 -15.43 -2.40 12.50
CA GLY A 152 -16.36 -1.30 12.72
C GLY A 152 -16.06 -0.08 11.90
N HIS A 153 -15.00 -0.09 11.07
CA HIS A 153 -14.60 1.07 10.27
C HIS A 153 -14.43 0.74 8.80
N VAL A 154 -15.03 -0.40 8.39
CA VAL A 154 -14.98 -0.86 7.02
C VAL A 154 -16.33 -0.58 6.36
N PRO A 155 -16.38 0.39 5.40
CA PRO A 155 -17.65 0.73 4.75
C PRO A 155 -18.16 -0.35 3.83
N MET A 156 -19.49 -0.41 3.69
CA MET A 156 -20.17 -1.35 2.82
C MET A 156 -19.71 -1.24 1.36
N ALA A 157 -19.50 -0.01 0.85
CA ALA A 157 -19.04 0.21 -0.53
C ALA A 157 -17.72 -0.56 -0.79
N TRP A 158 -16.74 -0.48 0.16
CA TRP A 158 -15.44 -1.15 0.11
C TRP A 158 -15.61 -2.69 0.02
N LYS A 159 -16.46 -3.27 0.90
CA LYS A 159 -16.77 -4.70 0.93
C LYS A 159 -17.36 -5.19 -0.39
N MET A 160 -18.20 -4.36 -1.04
CA MET A 160 -18.84 -4.64 -2.34
C MET A 160 -17.81 -4.75 -3.45
N VAL A 161 -16.78 -3.88 -3.43
CA VAL A 161 -15.67 -3.90 -4.40
C VAL A 161 -14.91 -5.24 -4.27
N VAL A 162 -14.53 -5.66 -3.02
CA VAL A 162 -13.84 -6.92 -2.72
C VAL A 162 -14.63 -8.10 -3.29
N ALA A 163 -15.95 -8.17 -2.97
CA ALA A 163 -16.89 -9.20 -3.42
C ALA A 163 -16.92 -9.34 -4.95
N GLN A 164 -17.02 -8.20 -5.68
CA GLN A 164 -17.03 -8.13 -7.16
C GLN A 164 -15.73 -8.69 -7.69
N GLN A 165 -14.58 -8.25 -7.13
CA GLN A 165 -13.24 -8.69 -7.50
C GLN A 165 -13.02 -10.17 -7.29
N LEU A 166 -13.47 -10.71 -6.14
CA LEU A 166 -13.41 -12.14 -5.82
C LEU A 166 -14.29 -12.96 -6.79
N ALA A 167 -15.56 -12.53 -7.04
CA ALA A 167 -16.50 -13.18 -7.96
C ALA A 167 -15.90 -13.18 -9.38
N SER A 168 -15.24 -12.09 -9.76
CA SER A 168 -14.55 -11.95 -11.05
C SER A 168 -13.47 -13.02 -11.20
N ALA A 169 -12.59 -13.21 -10.16
CA ALA A 169 -11.53 -14.21 -10.20
C ALA A 169 -12.12 -15.62 -10.28
N LEU A 170 -13.19 -15.89 -9.48
CA LEU A 170 -13.84 -17.19 -9.45
C LEU A 170 -14.62 -17.52 -10.72
N SER A 171 -15.13 -16.48 -11.42
CA SER A 171 -15.85 -16.62 -12.69
C SER A 171 -14.90 -17.12 -13.75
N TYR A 172 -13.67 -16.57 -13.77
CA TYR A 172 -12.61 -16.98 -14.68
C TYR A 172 -12.24 -18.48 -14.49
N LEU A 173 -12.13 -18.96 -13.22
CA LEU A 173 -11.81 -20.36 -12.93
C LEU A 173 -12.96 -21.28 -13.31
N GLU A 174 -14.20 -20.82 -13.09
CA GLU A 174 -15.43 -21.54 -13.41
C GLU A 174 -15.48 -21.86 -14.94
N ASN A 175 -15.30 -20.83 -15.80
CA ASN A 175 -15.28 -20.95 -17.25
C ASN A 175 -14.21 -21.91 -17.78
N LYS A 176 -13.06 -21.99 -17.07
CA LYS A 176 -11.95 -22.91 -17.39
C LYS A 176 -12.18 -24.27 -16.69
N ASN A 177 -13.31 -24.44 -15.95
CA ASN A 177 -13.65 -25.65 -15.18
C ASN A 177 -12.51 -26.08 -14.21
N LEU A 178 -11.96 -25.08 -13.48
CA LEU A 178 -10.88 -25.26 -12.51
C LEU A 178 -11.39 -24.99 -11.13
N VAL A 179 -11.12 -25.89 -10.19
CA VAL A 179 -11.55 -25.82 -8.77
C VAL A 179 -10.44 -25.20 -7.92
N HIS A 180 -10.79 -24.17 -7.11
CA HIS A 180 -9.84 -23.53 -6.19
C HIS A 180 -9.79 -24.41 -4.95
N GLY A 181 -10.92 -24.55 -4.26
CA GLY A 181 -11.06 -25.44 -3.11
C GLY A 181 -10.76 -24.86 -1.75
N ASN A 182 -10.29 -23.59 -1.69
CA ASN A 182 -9.93 -22.95 -0.43
C ASN A 182 -10.19 -21.44 -0.42
N VAL A 183 -11.41 -21.06 -0.77
CA VAL A 183 -11.84 -19.66 -0.76
C VAL A 183 -12.16 -19.26 0.69
N CYS A 184 -11.34 -18.41 1.27
CA CYS A 184 -11.55 -17.83 2.59
C CYS A 184 -10.85 -16.49 2.62
N GLY A 185 -11.15 -15.67 3.62
CA GLY A 185 -10.54 -14.37 3.79
C GLY A 185 -9.05 -14.44 3.97
N ARG A 186 -8.54 -15.50 4.64
CA ARG A 186 -7.10 -15.72 4.85
C ARG A 186 -6.34 -15.83 3.49
N ASN A 187 -6.95 -16.40 2.43
CA ASN A 187 -6.32 -16.49 1.08
C ASN A 187 -6.65 -15.29 0.19
N ILE A 188 -7.32 -14.30 0.76
CA ILE A 188 -7.57 -13.07 0.03
C ILE A 188 -6.51 -12.09 0.47
N LEU A 189 -5.70 -11.63 -0.49
CA LEU A 189 -4.61 -10.73 -0.21
C LEU A 189 -4.88 -9.36 -0.76
N LEU A 190 -4.51 -8.34 0.04
CA LEU A 190 -4.68 -6.93 -0.28
C LEU A 190 -3.46 -6.27 -0.90
N ALA A 191 -3.53 -6.02 -2.21
CA ALA A 191 -2.48 -5.32 -2.98
C ALA A 191 -2.54 -3.83 -2.70
N ARG A 192 -3.76 -3.27 -2.59
N ARG A 192 -3.77 -3.28 -2.60
CA ARG A 192 -4.05 -1.86 -2.33
CA ARG A 192 -4.09 -1.88 -2.32
C ARG A 192 -5.22 -1.81 -1.34
C ARG A 192 -5.21 -1.85 -1.30
N LEU A 193 -5.08 -1.02 -0.26
CA LEU A 193 -6.10 -0.94 0.80
C LEU A 193 -7.34 -0.11 0.47
N GLY A 194 -7.24 0.84 -0.44
CA GLY A 194 -8.34 1.72 -0.83
C GLY A 194 -8.92 2.56 0.29
N LEU A 195 -8.04 3.07 1.20
CA LEU A 195 -8.34 3.92 2.37
C LEU A 195 -8.46 5.40 2.02
N ALA A 196 -7.61 5.90 1.10
CA ALA A 196 -7.63 7.28 0.64
C ALA A 196 -8.92 7.58 -0.15
N GLU A 197 -9.41 8.83 -0.10
CA GLU A 197 -10.62 9.23 -0.80
C GLU A 197 -10.42 9.01 -2.31
N GLY A 198 -11.36 8.30 -2.93
CA GLY A 198 -11.29 8.05 -4.36
C GLY A 198 -10.35 6.94 -4.81
N THR A 199 -9.99 6.04 -3.87
CA THR A 199 -9.18 4.86 -4.14
C THR A 199 -10.01 3.63 -3.70
N SER A 200 -9.93 2.55 -4.49
CA SER A 200 -10.66 1.30 -4.23
C SER A 200 -9.71 0.23 -3.71
N PRO A 201 -10.15 -0.76 -2.87
CA PRO A 201 -9.24 -1.87 -2.55
C PRO A 201 -8.91 -2.68 -3.81
N PHE A 202 -7.80 -3.45 -3.81
CA PHE A 202 -7.42 -4.33 -4.91
C PHE A 202 -6.92 -5.63 -4.30
N ILE A 203 -7.67 -6.72 -4.55
CA ILE A 203 -7.35 -8.05 -4.00
C ILE A 203 -6.72 -9.00 -5.03
N LYS A 204 -5.95 -9.96 -4.52
CA LYS A 204 -5.34 -11.07 -5.25
C LYS A 204 -5.72 -12.36 -4.49
N LEU A 205 -6.47 -13.25 -5.12
CA LEU A 205 -6.81 -14.54 -4.51
C LEU A 205 -5.57 -15.43 -4.57
N SER A 206 -5.11 -15.90 -3.40
CA SER A 206 -3.92 -16.76 -3.30
C SER A 206 -4.21 -18.14 -3.89
N ASP A 207 -3.15 -18.94 -4.10
CA ASP A 207 -3.24 -20.33 -4.52
C ASP A 207 -3.91 -21.09 -3.35
N PRO A 208 -4.59 -22.23 -3.61
CA PRO A 208 -5.24 -22.95 -2.49
C PRO A 208 -4.32 -23.72 -1.53
N GLY A 209 -3.02 -23.77 -1.80
CA GLY A 209 -2.08 -24.53 -0.96
C GLY A 209 -2.18 -26.02 -1.24
N VAL A 210 -2.10 -26.87 -0.20
CA VAL A 210 -2.22 -28.32 -0.42
C VAL A 210 -3.68 -28.61 -0.78
N GLY A 211 -3.90 -29.25 -1.94
CA GLY A 211 -5.21 -29.59 -2.46
C GLY A 211 -6.09 -30.29 -1.44
N LEU A 212 -7.37 -29.93 -1.43
CA LEU A 212 -8.40 -30.45 -0.51
C LEU A 212 -8.47 -31.98 -0.42
N GLY A 213 -8.27 -32.65 -1.55
CA GLY A 213 -8.30 -34.10 -1.69
C GLY A 213 -7.25 -34.84 -0.89
N ALA A 214 -6.12 -34.17 -0.58
CA ALA A 214 -5.02 -34.75 0.20
C ALA A 214 -5.17 -34.63 1.72
N LEU A 215 -6.08 -33.76 2.19
CA LEU A 215 -6.25 -33.52 3.64
C LEU A 215 -7.05 -34.57 4.42
N SER A 216 -6.81 -34.65 5.74
CA SER A 216 -7.50 -35.55 6.68
C SER A 216 -8.85 -34.95 7.10
N ARG A 217 -9.75 -35.77 7.70
CA ARG A 217 -11.05 -35.33 8.19
C ARG A 217 -10.89 -34.17 9.20
N GLU A 218 -9.91 -34.29 10.11
CA GLU A 218 -9.59 -33.27 11.11
C GLU A 218 -9.28 -31.90 10.45
N GLU A 219 -8.48 -31.89 9.37
CA GLU A 219 -8.17 -30.67 8.60
C GLU A 219 -9.40 -30.11 7.86
N ARG A 220 -10.23 -30.99 7.32
CA ARG A 220 -11.46 -30.61 6.62
C ARG A 220 -12.48 -29.94 7.58
N VAL A 221 -12.66 -30.56 8.79
CA VAL A 221 -13.48 -30.05 9.89
C VAL A 221 -12.96 -28.64 10.30
N GLU A 222 -11.62 -28.43 10.36
CA GLU A 222 -11.01 -27.12 10.69
C GLU A 222 -11.35 -26.03 9.66
N ARG A 223 -11.63 -26.42 8.41
CA ARG A 223 -11.95 -25.53 7.30
C ARG A 223 -13.46 -25.11 7.27
N ILE A 224 -14.30 -25.62 8.23
CA ILE A 224 -15.73 -25.25 8.40
C ILE A 224 -15.74 -23.83 9.04
N PRO A 225 -16.56 -22.85 8.58
CA PRO A 225 -17.63 -22.90 7.57
C PRO A 225 -17.27 -22.71 6.09
N TRP A 226 -15.99 -22.51 5.75
CA TRP A 226 -15.59 -22.29 4.34
C TRP A 226 -15.72 -23.56 3.48
N LEU A 227 -15.43 -24.72 4.05
CA LEU A 227 -15.54 -26.01 3.39
C LEU A 227 -17.00 -26.30 2.96
N ALA A 228 -17.23 -26.70 1.69
CA ALA A 228 -18.56 -27.06 1.19
C ALA A 228 -18.98 -28.36 1.91
N PRO A 229 -20.28 -28.56 2.27
CA PRO A 229 -20.63 -29.76 3.08
C PRO A 229 -20.44 -31.12 2.40
N GLU A 230 -20.48 -31.16 1.05
CA GLU A 230 -20.27 -32.38 0.27
C GLU A 230 -18.82 -32.89 0.37
N CYS A 231 -17.91 -32.02 0.83
CA CYS A 231 -16.49 -32.27 1.00
C CYS A 231 -16.14 -32.84 2.33
N LEU A 232 -17.03 -32.71 3.31
CA LEU A 232 -16.80 -33.25 4.66
C LEU A 232 -16.59 -34.78 4.63
N PRO A 233 -17.42 -35.59 3.91
CA PRO A 233 -17.15 -37.04 3.84
C PRO A 233 -15.93 -37.33 2.98
N GLY A 234 -15.85 -36.70 1.80
CA GLY A 234 -14.75 -36.82 0.85
C GLY A 234 -14.52 -38.19 0.28
N LEU A 239 -14.16 -33.63 -7.26
CA LEU A 239 -14.18 -32.25 -6.79
C LEU A 239 -14.80 -31.30 -7.84
N SER A 240 -15.96 -30.70 -7.49
CA SER A 240 -16.72 -29.79 -8.38
C SER A 240 -16.46 -28.31 -8.14
N THR A 241 -16.74 -27.47 -9.17
CA THR A 241 -16.63 -26.01 -9.06
C THR A 241 -17.76 -25.45 -8.17
N ALA A 242 -18.82 -26.26 -7.92
CA ALA A 242 -19.93 -25.95 -7.03
C ALA A 242 -19.44 -25.70 -5.58
N MET A 243 -18.31 -26.32 -5.18
CA MET A 243 -17.74 -26.10 -3.85
C MET A 243 -17.22 -24.67 -3.64
N ASP A 244 -16.71 -24.02 -4.71
CA ASP A 244 -16.20 -22.63 -4.66
C ASP A 244 -17.31 -21.61 -4.45
N LYS A 245 -18.54 -21.95 -4.85
CA LYS A 245 -19.75 -21.15 -4.64
C LYS A 245 -20.11 -21.12 -3.14
N TRP A 246 -19.98 -22.24 -2.42
CA TRP A 246 -20.20 -22.25 -0.96
C TRP A 246 -19.09 -21.43 -0.28
N GLY A 247 -17.84 -21.65 -0.70
CA GLY A 247 -16.65 -20.98 -0.19
C GLY A 247 -16.71 -19.48 -0.35
N PHE A 248 -17.24 -19.01 -1.49
CA PHE A 248 -17.45 -17.60 -1.78
C PHE A 248 -18.54 -17.03 -0.83
N GLY A 249 -19.61 -17.78 -0.61
CA GLY A 249 -20.69 -17.41 0.30
C GLY A 249 -20.19 -17.24 1.72
N ALA A 250 -19.48 -18.26 2.25
CA ALA A 250 -18.90 -18.21 3.60
C ALA A 250 -17.91 -17.02 3.76
N THR A 251 -17.19 -16.67 2.67
CA THR A 251 -16.22 -15.56 2.65
C THR A 251 -16.94 -14.22 2.73
N LEU A 252 -18.09 -14.09 2.06
CA LEU A 252 -18.95 -12.90 2.13
C LEU A 252 -19.42 -12.67 3.57
N LEU A 253 -19.84 -13.73 4.31
CA LEU A 253 -20.25 -13.59 5.71
C LEU A 253 -19.10 -13.08 6.57
N GLU A 254 -17.90 -13.68 6.39
CA GLU A 254 -16.68 -13.33 7.11
C GLU A 254 -16.36 -11.85 6.87
N ILE A 255 -16.48 -11.38 5.59
CA ILE A 255 -16.22 -9.98 5.24
C ILE A 255 -17.25 -9.04 5.92
N CYS A 256 -18.55 -9.38 5.81
CA CYS A 256 -19.67 -8.66 6.43
C CYS A 256 -19.48 -8.52 7.94
N PHE A 257 -19.09 -9.61 8.61
CA PHE A 257 -18.83 -9.66 10.04
C PHE A 257 -17.39 -9.25 10.46
N ASP A 258 -16.70 -8.43 9.64
CA ASP A 258 -15.34 -7.90 9.86
C ASP A 258 -14.27 -8.94 10.32
N GLY A 259 -14.11 -9.99 9.49
CA GLY A 259 -13.12 -11.04 9.70
C GLY A 259 -13.43 -12.00 10.83
N GLU A 260 -14.67 -12.00 11.33
CA GLU A 260 -15.14 -12.92 12.36
C GLU A 260 -16.15 -13.83 11.68
N ALA A 261 -15.69 -14.99 11.21
CA ALA A 261 -16.55 -15.96 10.56
C ALA A 261 -17.46 -16.67 11.54
N PRO A 262 -18.68 -17.11 11.13
CA PRO A 262 -19.53 -17.87 12.05
C PRO A 262 -18.89 -19.21 12.38
N LEU A 263 -19.12 -19.74 13.59
CA LEU A 263 -18.61 -21.03 14.11
C LEU A 263 -17.10 -21.07 14.41
N GLN A 264 -16.35 -20.00 14.11
CA GLN A 264 -14.89 -20.01 14.26
C GLN A 264 -14.39 -20.39 15.67
N SER A 265 -14.95 -19.82 16.73
CA SER A 265 -14.58 -20.16 18.11
C SER A 265 -15.02 -21.59 18.49
N ARG A 266 -16.21 -22.03 17.98
CA ARG A 266 -16.86 -23.32 18.20
C ARG A 266 -15.87 -24.52 17.96
N SER A 267 -15.99 -25.60 18.75
CA SER A 267 -15.12 -26.80 18.70
C SER A 267 -15.28 -27.69 17.42
N PRO A 268 -14.32 -28.65 17.15
CA PRO A 268 -14.46 -29.52 15.96
C PRO A 268 -15.76 -30.32 15.92
N SER A 269 -16.12 -30.91 17.08
CA SER A 269 -17.32 -31.71 17.30
C SER A 269 -18.57 -30.89 16.97
N GLU A 270 -18.65 -29.62 17.48
CA GLU A 270 -19.74 -28.66 17.23
C GLU A 270 -19.85 -28.30 15.74
N LYS A 271 -18.68 -28.02 15.08
CA LYS A 271 -18.61 -27.65 13.66
C LYS A 271 -19.13 -28.81 12.80
N GLU A 272 -18.66 -30.03 13.13
CA GLU A 272 -19.06 -31.26 12.43
C GLU A 272 -20.57 -31.52 12.63
N HIS A 273 -21.07 -31.33 13.88
CA HIS A 273 -22.47 -31.47 14.27
C HIS A 273 -23.38 -30.54 13.46
N PHE A 274 -22.96 -29.29 13.28
CA PHE A 274 -23.65 -28.28 12.49
C PHE A 274 -23.87 -28.72 11.02
N TYR A 275 -22.84 -29.34 10.39
CA TYR A 275 -22.93 -29.83 9.00
C TYR A 275 -23.76 -31.10 8.91
N GLN A 276 -23.56 -32.03 9.87
CA GLN A 276 -24.29 -33.31 9.96
C GLN A 276 -25.78 -33.09 10.09
N ARG A 277 -26.19 -32.10 10.90
CA ARG A 277 -27.60 -31.79 11.11
C ARG A 277 -28.17 -30.84 10.06
N GLN A 278 -27.35 -30.44 9.07
CA GLN A 278 -27.69 -29.56 7.95
C GLN A 278 -28.20 -28.15 8.36
N HIS A 279 -27.69 -27.60 9.49
CA HIS A 279 -28.01 -26.25 9.94
C HIS A 279 -27.43 -25.23 8.96
N ARG A 280 -28.12 -24.10 8.77
CA ARG A 280 -27.63 -23.08 7.87
C ARG A 280 -26.98 -21.92 8.60
N LEU A 281 -26.03 -21.27 7.93
CA LEU A 281 -25.25 -20.18 8.50
C LEU A 281 -26.04 -18.87 8.65
N PRO A 282 -25.67 -17.96 9.59
CA PRO A 282 -26.42 -16.71 9.76
C PRO A 282 -26.56 -15.86 8.53
N GLU A 283 -27.60 -15.04 8.48
CA GLU A 283 -27.82 -14.10 7.39
C GLU A 283 -26.83 -12.95 7.65
N PRO A 284 -26.22 -12.34 6.60
CA PRO A 284 -25.28 -11.24 6.88
C PRO A 284 -26.00 -10.01 7.42
N SER A 285 -25.29 -9.20 8.25
CA SER A 285 -25.81 -7.96 8.82
C SER A 285 -26.24 -7.02 7.69
N CYS A 286 -25.44 -7.03 6.62
CA CYS A 286 -25.62 -6.31 5.37
C CYS A 286 -26.82 -6.93 4.59
N PRO A 287 -27.91 -6.17 4.33
CA PRO A 287 -29.04 -6.76 3.59
C PRO A 287 -28.82 -6.87 2.08
N GLN A 288 -27.86 -6.08 1.52
CA GLN A 288 -27.52 -6.05 0.09
C GLN A 288 -26.94 -7.39 -0.44
N LEU A 289 -26.35 -8.21 0.45
CA LEU A 289 -25.75 -9.50 0.13
C LEU A 289 -26.50 -10.71 0.72
N ALA A 290 -27.61 -10.45 1.44
CA ALA A 290 -28.41 -11.49 2.10
C ALA A 290 -28.95 -12.57 1.17
N THR A 291 -29.51 -12.18 -0.01
CA THR A 291 -30.08 -13.13 -0.98
C THR A 291 -28.98 -14.02 -1.56
N LEU A 292 -27.89 -13.35 -2.01
CA LEU A 292 -26.69 -13.96 -2.59
C LEU A 292 -26.08 -15.02 -1.68
N THR A 293 -25.96 -14.74 -0.36
CA THR A 293 -25.37 -15.71 0.57
C THR A 293 -26.31 -16.88 0.85
N SER A 294 -27.63 -16.63 0.88
CA SER A 294 -28.65 -17.66 1.10
C SER A 294 -28.63 -18.68 -0.04
N GLN A 295 -28.44 -18.19 -1.30
CA GLN A 295 -28.38 -18.99 -2.53
C GLN A 295 -27.11 -19.85 -2.59
N CYS A 296 -25.96 -19.23 -2.31
CA CYS A 296 -24.63 -19.84 -2.30
C CYS A 296 -24.47 -20.89 -1.22
N LEU A 297 -25.01 -20.65 -0.02
CA LEU A 297 -24.85 -21.52 1.14
C LEU A 297 -25.97 -22.59 1.29
N THR A 298 -26.29 -23.25 0.17
CA THR A 298 -27.25 -24.35 0.18
C THR A 298 -26.49 -25.68 0.12
N TYR A 299 -27.02 -26.69 0.81
CA TYR A 299 -26.46 -28.03 0.86
C TYR A 299 -26.58 -28.80 -0.46
N GLU A 300 -27.45 -28.33 -1.40
CA GLU A 300 -27.60 -28.95 -2.71
C GLU A 300 -26.68 -28.21 -3.69
N PRO A 301 -25.53 -28.82 -4.08
CA PRO A 301 -24.55 -28.09 -4.92
C PRO A 301 -25.08 -27.55 -6.24
N THR A 302 -26.02 -28.28 -6.86
CA THR A 302 -26.66 -27.92 -8.14
C THR A 302 -27.53 -26.68 -8.04
N GLN A 303 -28.13 -26.44 -6.85
CA GLN A 303 -28.98 -25.28 -6.57
C GLN A 303 -28.19 -23.95 -6.51
N ARG A 304 -26.85 -24.03 -6.26
CA ARG A 304 -26.00 -22.84 -6.14
C ARG A 304 -25.88 -22.09 -7.50
N PRO A 305 -26.02 -20.74 -7.52
CA PRO A 305 -25.93 -20.02 -8.81
C PRO A 305 -24.53 -20.01 -9.44
N SER A 306 -24.45 -19.72 -10.74
CA SER A 306 -23.16 -19.62 -11.43
C SER A 306 -22.51 -18.29 -11.07
N PHE A 307 -21.17 -18.18 -11.25
CA PHE A 307 -20.49 -16.92 -10.98
C PHE A 307 -20.91 -15.82 -11.96
N ARG A 308 -21.37 -16.20 -13.17
CA ARG A 308 -21.89 -15.31 -14.20
C ARG A 308 -23.11 -14.56 -13.64
N THR A 309 -24.00 -15.30 -12.95
CA THR A 309 -25.19 -14.76 -12.30
C THR A 309 -24.79 -13.88 -11.10
N ILE A 310 -23.88 -14.38 -10.22
CA ILE A 310 -23.35 -13.68 -9.04
C ILE A 310 -22.75 -12.31 -9.44
N LEU A 311 -21.90 -12.28 -10.48
CA LEU A 311 -21.24 -11.09 -11.04
C LEU A 311 -22.28 -10.08 -11.53
N ARG A 312 -23.29 -10.57 -12.29
CA ARG A 312 -24.41 -9.80 -12.82
C ARG A 312 -25.19 -9.16 -11.66
N ASP A 313 -25.56 -9.98 -10.65
CA ASP A 313 -26.26 -9.55 -9.44
C ASP A 313 -25.47 -8.50 -8.65
N LEU A 314 -24.12 -8.61 -8.61
CA LEU A 314 -23.24 -7.67 -7.89
C LEU A 314 -23.10 -6.33 -8.59
N THR A 315 -22.89 -6.35 -9.93
CA THR A 315 -22.74 -5.15 -10.75
C THR A 315 -24.10 -4.63 -11.19
N SER B 28 -8.57 31.68 8.78
CA SER B 28 -7.23 31.17 8.57
C SER B 28 -7.32 29.66 8.28
N PHE B 29 -7.56 28.86 9.34
CA PHE B 29 -7.69 27.40 9.29
C PHE B 29 -8.86 26.94 10.19
N HIS B 30 -9.45 25.80 9.84
CA HIS B 30 -10.51 25.16 10.61
C HIS B 30 -9.97 24.54 11.92
N ARG B 31 -10.75 24.64 13.00
CA ARG B 31 -10.43 24.09 14.31
C ARG B 31 -11.05 22.70 14.45
N VAL B 32 -10.25 21.71 14.79
CA VAL B 32 -10.77 20.34 14.95
C VAL B 32 -10.86 20.02 16.45
N ASP B 33 -12.02 19.52 16.92
CA ASP B 33 -12.16 19.07 18.31
C ASP B 33 -11.53 17.65 18.43
N GLN B 34 -10.88 17.39 19.58
CA GLN B 34 -10.23 16.12 19.86
C GLN B 34 -11.20 14.90 19.80
N LYS B 35 -12.53 15.13 19.98
CA LYS B 35 -13.56 14.09 19.91
C LYS B 35 -13.79 13.65 18.47
N GLU B 36 -13.37 14.45 17.46
CA GLU B 36 -13.55 14.16 16.02
C GLU B 36 -12.43 13.28 15.44
N ILE B 37 -11.27 13.22 16.10
CA ILE B 37 -10.13 12.47 15.59
C ILE B 37 -9.80 11.21 16.42
N THR B 38 -9.19 10.24 15.75
CA THR B 38 -8.74 8.98 16.30
C THR B 38 -7.32 8.81 15.80
N GLN B 39 -6.35 8.63 16.72
CA GLN B 39 -4.92 8.47 16.42
C GLN B 39 -4.60 6.99 16.27
N LEU B 40 -3.97 6.66 15.15
CA LEU B 40 -3.64 5.26 14.86
C LEU B 40 -2.10 5.02 14.80
N SER B 41 -1.63 4.23 13.87
CA SER B 41 -0.23 3.89 13.74
C SER B 41 0.68 5.05 13.46
N HIS B 42 1.91 5.01 14.03
CA HIS B 42 2.99 5.95 13.82
C HIS B 42 3.52 5.68 12.42
N LEU B 43 3.71 6.72 11.61
CA LEU B 43 4.16 6.57 10.23
C LEU B 43 5.58 7.05 10.08
N GLY B 44 5.96 7.98 10.95
CA GLY B 44 7.29 8.57 10.94
C GLY B 44 7.37 9.89 11.66
N GLN B 45 8.46 10.64 11.40
CA GLN B 45 8.74 11.91 12.06
C GLN B 45 9.06 13.02 11.05
N GLY B 46 8.71 14.24 11.43
CA GLY B 46 9.03 15.45 10.70
C GLY B 46 9.87 16.34 11.61
N THR B 47 10.12 17.58 11.22
CA THR B 47 10.85 18.53 12.05
C THR B 47 9.96 18.85 13.25
N ARG B 48 10.39 18.41 14.45
CA ARG B 48 9.70 18.61 15.73
C ARG B 48 8.29 18.02 15.79
N THR B 49 8.02 16.98 14.99
CA THR B 49 6.70 16.32 14.93
C THR B 49 6.78 14.81 14.83
N ASN B 50 5.65 14.15 15.11
CA ASN B 50 5.44 12.72 14.96
C ASN B 50 4.21 12.60 14.12
N VAL B 51 4.30 11.81 13.06
CA VAL B 51 3.22 11.63 12.10
C VAL B 51 2.53 10.30 12.35
N TYR B 52 1.19 10.33 12.41
CA TYR B 52 0.31 9.16 12.63
C TYR B 52 -0.76 9.11 11.57
N GLU B 53 -1.33 7.94 11.41
CA GLU B 53 -2.46 7.63 10.57
C GLU B 53 -3.64 7.95 11.50
N GLY B 54 -4.79 8.30 10.94
CA GLY B 54 -5.91 8.61 11.79
C GLY B 54 -7.24 8.55 11.09
N ARG B 55 -8.28 8.86 11.85
CA ARG B 55 -9.64 8.93 11.35
C ARG B 55 -10.26 10.23 11.79
N LEU B 56 -10.93 10.89 10.88
CA LEU B 56 -11.60 12.15 11.15
C LEU B 56 -13.09 11.91 10.87
N ARG B 57 -13.95 12.14 11.88
CA ARG B 57 -15.40 11.98 11.74
C ARG B 57 -15.96 13.09 10.85
N SER B 58 -16.60 12.71 9.73
CA SER B 58 -17.20 13.59 8.71
C SER B 58 -16.19 14.48 8.00
N GLU B 84 -16.67 8.98 8.13
CA GLU B 84 -15.26 8.85 8.52
C GLU B 84 -14.26 8.99 7.39
N LEU B 85 -13.22 9.76 7.64
CA LEU B 85 -12.20 9.99 6.63
C LEU B 85 -10.83 9.56 7.12
N ARG B 86 -10.01 8.92 6.24
CA ARG B 86 -8.64 8.53 6.61
C ARG B 86 -7.77 9.78 6.58
N VAL B 87 -7.06 10.06 7.67
CA VAL B 87 -6.25 11.27 7.71
C VAL B 87 -4.84 11.00 8.23
N VAL B 88 -4.02 12.02 8.19
CA VAL B 88 -2.68 12.01 8.75
C VAL B 88 -2.69 13.07 9.87
N LEU B 89 -2.15 12.70 11.04
CA LEU B 89 -2.08 13.59 12.18
C LEU B 89 -0.62 13.93 12.44
N LYS B 90 -0.29 15.21 12.34
CA LYS B 90 1.06 15.74 12.57
C LYS B 90 1.08 16.37 13.95
N VAL B 91 1.52 15.57 14.93
CA VAL B 91 1.57 15.97 16.34
C VAL B 91 2.89 16.75 16.62
N LEU B 92 2.78 18.08 16.83
CA LEU B 92 3.91 18.95 17.18
C LEU B 92 4.35 18.67 18.62
N ASP B 93 5.67 18.64 18.84
CA ASP B 93 6.30 18.43 20.14
C ASP B 93 5.90 19.55 21.12
N PRO B 94 5.94 19.34 22.47
CA PRO B 94 5.69 20.48 23.37
C PRO B 94 6.69 21.57 22.94
N SER B 95 6.15 22.73 22.59
CA SER B 95 6.87 23.83 21.98
C SER B 95 6.49 25.18 22.59
N HIS B 96 7.30 26.19 22.30
CA HIS B 96 7.10 27.55 22.69
C HIS B 96 6.18 28.18 21.68
N HIS B 97 5.56 29.31 22.05
CA HIS B 97 4.60 30.04 21.23
C HIS B 97 5.10 30.46 19.83
N ASP B 98 6.41 30.75 19.67
CA ASP B 98 6.96 31.13 18.35
C ASP B 98 7.03 29.92 17.37
N ILE B 99 7.23 28.70 17.93
CA ILE B 99 7.28 27.44 17.19
C ILE B 99 5.86 27.05 16.79
N ALA B 100 4.88 27.11 17.75
CA ALA B 100 3.44 26.85 17.52
C ALA B 100 2.88 27.82 16.48
N LEU B 101 3.24 29.11 16.56
CA LEU B 101 2.85 30.15 15.59
C LEU B 101 3.35 29.84 14.16
N ALA B 102 4.58 29.32 14.02
CA ALA B 102 5.14 28.93 12.72
C ALA B 102 4.39 27.69 12.13
N PHE B 103 3.81 26.85 13.01
CA PHE B 103 3.04 25.65 12.69
C PHE B 103 1.61 26.09 12.31
N TYR B 104 1.06 27.12 12.98
CA TYR B 104 -0.29 27.67 12.66
C TYR B 104 -0.29 28.38 11.31
N GLU B 105 0.81 29.09 10.98
CA GLU B 105 1.04 29.78 9.72
C GLU B 105 1.03 28.76 8.57
N THR B 106 1.66 27.58 8.76
CA THR B 106 1.68 26.50 7.76
C THR B 106 0.24 26.02 7.47
N ALA B 107 -0.55 25.73 8.52
CA ALA B 107 -1.95 25.33 8.45
C ALA B 107 -2.81 26.41 7.74
N SER B 108 -2.59 27.68 8.09
CA SER B 108 -3.24 28.84 7.53
C SER B 108 -3.00 28.91 6.01
N LEU B 109 -1.75 28.88 5.60
CA LEU B 109 -1.31 28.89 4.20
C LEU B 109 -1.96 27.76 3.39
N MET B 110 -1.91 26.54 3.91
CA MET B 110 -2.36 25.32 3.26
C MET B 110 -3.88 25.17 3.20
N SER B 111 -4.61 25.97 4.01
CA SER B 111 -6.08 26.07 4.01
C SER B 111 -6.54 27.04 2.92
N GLN B 112 -5.71 28.06 2.60
CA GLN B 112 -5.97 29.12 1.63
C GLN B 112 -5.58 28.75 0.19
N VAL B 113 -5.04 27.52 -0.04
CA VAL B 113 -4.60 27.04 -1.37
C VAL B 113 -5.41 25.84 -1.83
N SER B 114 -5.53 25.70 -3.16
CA SER B 114 -6.26 24.59 -3.73
C SER B 114 -5.64 24.25 -5.07
N HIS B 115 -4.99 23.09 -5.11
CA HIS B 115 -4.32 22.58 -6.29
C HIS B 115 -4.33 21.08 -6.21
N THR B 116 -4.53 20.43 -7.37
CA THR B 116 -4.61 18.97 -7.47
C THR B 116 -3.33 18.28 -7.01
N HIS B 117 -2.18 18.99 -7.03
CA HIS B 117 -0.90 18.43 -6.60
C HIS B 117 -0.40 18.99 -5.23
N LEU B 118 -1.30 19.59 -4.42
CA LEU B 118 -0.96 20.04 -3.06
C LEU B 118 -1.87 19.27 -2.12
N ALA B 119 -1.29 18.74 -1.01
CA ALA B 119 -2.10 17.98 -0.03
C ALA B 119 -2.98 18.94 0.76
N PHE B 120 -4.19 18.49 1.05
CA PHE B 120 -5.24 19.22 1.76
C PHE B 120 -5.00 19.17 3.26
N VAL B 121 -5.37 20.27 3.94
CA VAL B 121 -5.29 20.43 5.40
C VAL B 121 -6.72 20.61 5.90
N HIS B 122 -7.13 19.71 6.78
CA HIS B 122 -8.47 19.70 7.36
C HIS B 122 -8.64 20.74 8.46
N GLY B 123 -7.58 20.95 9.21
CA GLY B 123 -7.59 21.88 10.33
C GLY B 123 -6.54 21.59 11.38
N VAL B 124 -6.73 22.17 12.57
CA VAL B 124 -5.82 22.04 13.70
C VAL B 124 -6.57 21.72 14.96
N CYS B 125 -6.03 20.74 15.69
CA CYS B 125 -6.49 20.32 17.01
C CYS B 125 -5.47 20.74 18.07
N VAL B 126 -5.93 21.34 19.15
CA VAL B 126 -5.05 21.70 20.25
C VAL B 126 -5.39 20.84 21.49
N ARG B 127 -4.61 19.77 21.70
CA ARG B 127 -4.73 18.77 22.77
C ARG B 127 -3.57 18.95 23.79
N GLY B 128 -3.90 19.51 24.96
CA GLY B 128 -2.94 19.78 26.02
C GLY B 128 -1.74 20.54 25.49
N PRO B 129 -0.51 20.03 25.71
CA PRO B 129 0.68 20.73 25.17
C PRO B 129 0.96 20.38 23.69
N GLU B 130 0.05 19.62 23.05
CA GLU B 130 0.23 19.14 21.68
C GLU B 130 -0.68 19.83 20.65
N ASN B 131 -0.06 20.31 19.57
CA ASN B 131 -0.71 20.92 18.42
C ASN B 131 -0.72 19.84 17.35
N ILE B 132 -1.93 19.48 16.87
CA ILE B 132 -2.13 18.41 15.92
C ILE B 132 -2.65 18.99 14.63
N MET B 133 -1.88 18.86 13.54
CA MET B 133 -2.37 19.32 12.25
C MET B 133 -2.98 18.11 11.58
N VAL B 134 -4.26 18.22 11.24
CA VAL B 134 -5.03 17.15 10.58
C VAL B 134 -4.96 17.45 9.08
N THR B 135 -4.33 16.55 8.32
CA THR B 135 -4.08 16.68 6.87
C THR B 135 -4.59 15.45 6.10
N GLU B 136 -4.58 15.57 4.77
CA GLU B 136 -4.95 14.50 3.83
C GLU B 136 -4.00 13.27 3.97
N TYR B 137 -4.58 12.07 3.94
CA TYR B 137 -3.82 10.82 3.95
C TYR B 137 -3.56 10.44 2.46
N VAL B 138 -2.32 10.13 2.15
CA VAL B 138 -2.01 9.75 0.80
C VAL B 138 -1.61 8.25 0.81
N GLU B 139 -2.24 7.45 -0.08
CA GLU B 139 -2.10 6.00 -0.18
C GLU B 139 -0.66 5.46 -0.07
N HIS B 140 0.31 5.95 -0.88
CA HIS B 140 1.61 5.32 -0.93
C HIS B 140 2.72 6.01 -0.13
N GLY B 141 2.47 7.16 0.44
CA GLY B 141 3.43 7.85 1.28
C GLY B 141 4.58 8.57 0.59
N PRO B 142 5.68 8.82 1.37
CA PRO B 142 6.84 9.57 0.82
C PRO B 142 7.57 8.92 -0.34
N LEU B 143 7.87 9.76 -1.34
CA LEU B 143 8.53 9.40 -2.58
C LEU B 143 9.94 8.84 -2.34
N ASP B 144 10.74 9.52 -1.50
CA ASP B 144 12.14 9.13 -1.26
C ASP B 144 12.28 7.67 -0.80
N VAL B 145 11.41 7.26 0.14
CA VAL B 145 11.35 5.93 0.72
C VAL B 145 11.07 4.92 -0.39
N TRP B 146 10.09 5.23 -1.22
CA TRP B 146 9.69 4.43 -2.36
C TRP B 146 10.77 4.34 -3.43
N LEU B 147 11.49 5.44 -3.71
CA LEU B 147 12.58 5.44 -4.68
C LEU B 147 13.72 4.53 -4.19
N ARG B 148 14.01 4.55 -2.88
CA ARG B 148 15.04 3.74 -2.29
C ARG B 148 14.71 2.27 -2.34
N ARG B 149 13.43 1.89 -2.14
CA ARG B 149 13.14 0.45 -2.21
C ARG B 149 13.03 -0.07 -3.66
N GLU B 150 12.79 0.81 -4.65
CA GLU B 150 12.66 0.50 -6.08
C GLU B 150 13.85 0.95 -6.90
N ARG B 151 15.00 1.25 -6.24
CA ARG B 151 16.25 1.70 -6.89
C ARG B 151 16.66 0.82 -8.06
N GLY B 152 17.02 1.46 -9.16
CA GLY B 152 17.43 0.81 -10.40
C GLY B 152 16.29 0.28 -11.23
N HIS B 153 15.03 0.49 -10.79
CA HIS B 153 13.86 0.00 -11.52
C HIS B 153 12.84 1.10 -11.79
N VAL B 154 13.30 2.37 -11.64
CA VAL B 154 12.46 3.54 -11.88
C VAL B 154 12.81 4.16 -13.24
N PRO B 155 11.88 4.06 -14.22
CA PRO B 155 12.17 4.59 -15.56
C PRO B 155 12.21 6.11 -15.62
N MET B 156 12.99 6.64 -16.55
CA MET B 156 13.13 8.06 -16.78
C MET B 156 11.80 8.75 -17.09
N ALA B 157 10.93 8.10 -17.89
CA ALA B 157 9.61 8.65 -18.23
C ALA B 157 8.79 8.97 -16.97
N TRP B 158 8.78 8.04 -15.99
CA TRP B 158 8.11 8.16 -14.68
C TRP B 158 8.62 9.40 -13.91
N LYS B 159 9.97 9.54 -13.79
CA LYS B 159 10.63 10.66 -13.13
C LYS B 159 10.24 12.00 -13.74
N MET B 160 10.09 12.05 -15.08
CA MET B 160 9.70 13.25 -15.85
C MET B 160 8.30 13.71 -15.52
N VAL B 161 7.36 12.74 -15.36
CA VAL B 161 5.98 13.02 -14.97
C VAL B 161 5.96 13.67 -13.56
N VAL B 162 6.68 13.09 -12.57
CA VAL B 162 6.81 13.60 -11.19
C VAL B 162 7.31 15.06 -11.22
N ALA B 163 8.44 15.32 -11.95
CA ALA B 163 9.04 16.64 -12.13
C ALA B 163 8.05 17.69 -12.65
N GLN B 164 7.27 17.34 -13.72
CA GLN B 164 6.25 18.20 -14.31
C GLN B 164 5.20 18.54 -13.28
N GLN B 165 4.69 17.52 -12.55
CA GLN B 165 3.66 17.65 -11.52
C GLN B 165 4.11 18.52 -10.37
N LEU B 166 5.37 18.34 -9.89
CA LEU B 166 5.97 19.15 -8.83
C LEU B 166 6.14 20.62 -9.30
N ALA B 167 6.68 20.85 -10.52
CA ALA B 167 6.83 22.20 -11.12
C ALA B 167 5.46 22.87 -11.25
N SER B 168 4.42 22.10 -11.62
CA SER B 168 3.05 22.58 -11.71
C SER B 168 2.53 23.11 -10.36
N ALA B 169 2.75 22.33 -9.27
CA ALA B 169 2.31 22.75 -7.92
C ALA B 169 3.07 24.01 -7.48
N LEU B 170 4.40 24.03 -7.74
CA LEU B 170 5.24 25.16 -7.35
C LEU B 170 4.97 26.43 -8.17
N SER B 171 4.52 26.26 -9.43
CA SER B 171 4.15 27.36 -10.33
C SER B 171 2.91 28.06 -9.78
N TYR B 172 1.94 27.30 -9.28
CA TYR B 172 0.74 27.82 -8.63
C TYR B 172 1.08 28.68 -7.39
N LEU B 173 2.02 28.22 -6.55
CA LEU B 173 2.42 28.96 -5.34
C LEU B 173 3.19 30.22 -5.69
N GLU B 174 4.03 30.16 -6.75
CA GLU B 174 4.81 31.31 -7.22
C GLU B 174 3.89 32.45 -7.69
N ASN B 175 2.87 32.14 -8.53
CA ASN B 175 1.89 33.10 -9.01
C ASN B 175 1.10 33.78 -7.88
N LYS B 176 0.85 33.06 -6.77
CA LYS B 176 0.18 33.56 -5.57
C LYS B 176 1.21 34.21 -4.59
N ASN B 177 2.50 34.22 -4.97
CA ASN B 177 3.62 34.75 -4.17
C ASN B 177 3.69 34.11 -2.76
N LEU B 178 3.52 32.79 -2.71
CA LEU B 178 3.55 31.97 -1.50
C LEU B 178 4.77 31.08 -1.50
N VAL B 179 5.50 31.06 -0.38
CA VAL B 179 6.73 30.27 -0.20
C VAL B 179 6.39 28.93 0.51
N HIS B 180 6.93 27.82 -0.03
CA HIS B 180 6.75 26.50 0.56
C HIS B 180 7.86 26.36 1.62
N GLY B 181 9.11 26.41 1.19
CA GLY B 181 10.26 26.39 2.09
C GLY B 181 10.83 25.04 2.47
N ASN B 182 10.18 23.93 2.04
CA ASN B 182 10.63 22.59 2.38
C ASN B 182 10.36 21.58 1.25
N VAL B 183 10.80 21.91 0.03
CA VAL B 183 10.66 21.01 -1.12
C VAL B 183 11.76 19.93 -1.05
N CYS B 184 11.34 18.69 -0.84
CA CYS B 184 12.22 17.52 -0.81
C CYS B 184 11.41 16.32 -1.12
N GLY B 185 12.07 15.23 -1.49
CA GLY B 185 11.39 13.98 -1.79
C GLY B 185 10.54 13.46 -0.65
N ARG B 186 11.00 13.65 0.59
CA ARG B 186 10.25 13.24 1.78
C ARG B 186 8.85 13.90 1.81
N ASN B 187 8.76 15.18 1.36
CA ASN B 187 7.52 15.96 1.32
C ASN B 187 6.68 15.74 0.06
N ILE B 188 7.13 14.82 -0.81
CA ILE B 188 6.42 14.46 -2.03
C ILE B 188 5.75 13.14 -1.75
N LEU B 189 4.42 13.14 -1.88
CA LEU B 189 3.62 11.97 -1.58
C LEU B 189 2.99 11.41 -2.81
N LEU B 190 2.87 10.07 -2.88
CA LEU B 190 2.31 9.39 -4.03
C LEU B 190 0.87 8.94 -3.83
N ALA B 191 -0.05 9.61 -4.52
CA ALA B 191 -1.47 9.22 -4.53
C ALA B 191 -1.64 7.98 -5.41
N ARG B 192 -0.90 7.91 -6.53
CA ARG B 192 -0.83 6.79 -7.47
C ARG B 192 0.64 6.46 -7.70
N LEU B 193 1.03 5.19 -7.54
CA LEU B 193 2.42 4.74 -7.67
C LEU B 193 3.02 4.88 -9.03
N GLY B 194 2.29 4.50 -10.07
CA GLY B 194 2.86 4.52 -11.41
C GLY B 194 3.98 3.53 -11.70
N LEU B 195 4.47 2.78 -10.68
CA LEU B 195 5.56 1.78 -10.81
C LEU B 195 5.13 0.55 -11.62
N ALA B 196 3.85 0.12 -11.45
CA ALA B 196 3.27 -1.02 -12.17
C ALA B 196 3.14 -0.67 -13.66
N GLU B 197 3.21 -1.71 -14.51
CA GLU B 197 3.11 -1.53 -15.97
C GLU B 197 1.75 -0.92 -16.31
N GLY B 198 1.76 0.19 -17.04
CA GLY B 198 0.52 0.83 -17.45
C GLY B 198 -0.13 1.73 -16.42
N THR B 199 0.62 2.17 -15.42
CA THR B 199 0.16 3.11 -14.41
C THR B 199 1.09 4.34 -14.44
N SER B 200 0.53 5.57 -14.33
CA SER B 200 1.35 6.78 -14.30
C SER B 200 1.30 7.40 -12.91
N PRO B 201 2.42 7.99 -12.43
CA PRO B 201 2.41 8.53 -11.05
C PRO B 201 1.53 9.76 -10.88
N PHE B 202 1.06 9.96 -9.64
CA PHE B 202 0.29 11.12 -9.27
C PHE B 202 0.74 11.54 -7.87
N ILE B 203 1.40 12.71 -7.78
CA ILE B 203 1.97 13.24 -6.54
C ILE B 203 1.13 14.34 -5.92
N LYS B 204 1.28 14.49 -4.58
CA LYS B 204 0.71 15.56 -3.75
C LYS B 204 1.86 16.14 -2.92
N LEU B 205 2.19 17.40 -3.12
CA LEU B 205 3.24 18.05 -2.33
C LEU B 205 2.64 18.35 -0.93
N SER B 206 3.29 17.81 0.12
CA SER B 206 2.84 17.99 1.50
C SER B 206 3.03 19.45 1.94
N ASP B 207 2.43 19.80 3.08
CA ASP B 207 2.63 21.10 3.73
C ASP B 207 4.11 21.13 4.20
N PRO B 208 4.72 22.32 4.36
CA PRO B 208 6.13 22.36 4.80
C PRO B 208 6.41 22.02 6.28
N GLY B 209 5.39 21.83 7.10
CA GLY B 209 5.56 21.57 8.53
C GLY B 209 5.86 22.86 9.28
N VAL B 210 6.79 22.83 10.26
CA VAL B 210 7.15 24.06 10.99
C VAL B 210 7.92 24.95 10.02
N GLY B 211 7.45 26.18 9.83
CA GLY B 211 8.07 27.16 8.93
C GLY B 211 9.56 27.32 9.16
N LEU B 212 10.32 27.44 8.05
CA LEU B 212 11.78 27.58 8.02
C LEU B 212 12.33 28.68 8.95
N GLY B 213 11.61 29.79 9.05
CA GLY B 213 11.95 30.96 9.86
C GLY B 213 12.01 30.70 11.35
N ALA B 214 11.29 29.65 11.84
CA ALA B 214 11.28 29.29 13.26
C ALA B 214 12.43 28.33 13.67
N LEU B 215 13.11 27.69 12.68
CA LEU B 215 14.15 26.71 12.98
C LEU B 215 15.52 27.26 13.36
N SER B 216 16.30 26.43 14.09
CA SER B 216 17.68 26.75 14.54
C SER B 216 18.67 26.50 13.39
N ARG B 217 19.92 27.01 13.51
CA ARG B 217 21.00 26.78 12.54
C ARG B 217 21.24 25.26 12.34
N GLU B 218 21.26 24.51 13.45
CA GLU B 218 21.42 23.05 13.52
C GLU B 218 20.42 22.39 12.55
N GLU B 219 19.11 22.75 12.68
CA GLU B 219 18.01 22.24 11.84
C GLU B 219 18.15 22.63 10.37
N ARG B 220 18.60 23.87 10.12
CA ARG B 220 18.81 24.38 8.77
C ARG B 220 19.93 23.63 8.04
N VAL B 221 21.07 23.38 8.75
CA VAL B 221 22.22 22.59 8.31
C VAL B 221 21.74 21.15 7.97
N GLU B 222 20.85 20.56 8.80
CA GLU B 222 20.29 19.22 8.54
C GLU B 222 19.47 19.15 7.24
N ARG B 223 18.98 20.33 6.79
CA ARG B 223 18.15 20.42 5.59
C ARG B 223 18.95 20.52 4.29
N ILE B 224 20.30 20.62 4.38
CA ILE B 224 21.24 20.68 3.24
C ILE B 224 21.26 19.26 2.60
N PRO B 225 21.19 19.08 1.26
CA PRO B 225 21.20 20.06 0.16
C PRO B 225 19.89 20.72 -0.28
N TRP B 226 18.74 20.38 0.35
CA TRP B 226 17.46 20.96 -0.06
C TRP B 226 17.32 22.43 0.28
N LEU B 227 17.90 22.85 1.42
CA LEU B 227 17.90 24.24 1.88
C LEU B 227 18.63 25.15 0.89
N ALA B 228 18.03 26.28 0.47
CA ALA B 228 18.66 27.27 -0.41
C ALA B 228 19.82 27.91 0.38
N PRO B 229 20.98 28.24 -0.23
CA PRO B 229 22.13 28.74 0.57
C PRO B 229 21.94 30.08 1.27
N GLU B 230 21.03 30.94 0.75
CA GLU B 230 20.72 32.24 1.34
C GLU B 230 19.97 32.09 2.68
N CYS B 231 19.45 30.89 2.96
CA CYS B 231 18.69 30.53 4.15
C CYS B 231 19.57 30.02 5.26
N LEU B 232 20.81 29.64 4.94
CA LEU B 232 21.73 29.14 5.94
C LEU B 232 22.03 30.21 7.02
N PRO B 233 22.31 31.50 6.65
CA PRO B 233 22.52 32.52 7.71
C PRO B 233 21.21 32.90 8.40
N LEU B 239 11.54 35.84 3.48
CA LEU B 239 11.63 34.55 2.79
C LEU B 239 11.09 34.69 1.35
N SER B 240 11.94 34.41 0.34
CA SER B 240 11.58 34.53 -1.09
C SER B 240 11.14 33.23 -1.75
N THR B 241 10.37 33.34 -2.86
CA THR B 241 9.95 32.17 -3.67
C THR B 241 11.15 31.60 -4.44
N ALA B 242 12.28 32.37 -4.53
CA ALA B 242 13.52 31.94 -5.16
C ALA B 242 14.12 30.74 -4.43
N MET B 243 13.83 30.56 -3.12
CA MET B 243 14.32 29.41 -2.36
C MET B 243 13.70 28.08 -2.82
N ASP B 244 12.44 28.09 -3.30
CA ASP B 244 11.74 26.90 -3.76
C ASP B 244 12.30 26.37 -5.09
N LYS B 245 12.97 27.25 -5.86
CA LYS B 245 13.65 26.88 -7.10
C LYS B 245 14.88 26.03 -6.78
N TRP B 246 15.66 26.42 -5.74
CA TRP B 246 16.81 25.62 -5.32
C TRP B 246 16.30 24.25 -4.80
N GLY B 247 15.25 24.29 -3.96
CA GLY B 247 14.62 23.10 -3.37
C GLY B 247 14.11 22.13 -4.42
N PHE B 248 13.52 22.66 -5.51
CA PHE B 248 13.05 21.88 -6.63
C PHE B 248 14.25 21.23 -7.35
N GLY B 249 15.34 21.97 -7.55
CA GLY B 249 16.57 21.49 -8.16
C GLY B 249 17.18 20.34 -7.38
N ALA B 250 17.37 20.53 -6.04
CA ALA B 250 17.92 19.48 -5.15
C ALA B 250 17.02 18.22 -5.16
N THR B 251 15.68 18.39 -5.32
CA THR B 251 14.70 17.30 -5.35
C THR B 251 14.85 16.51 -6.65
N LEU B 252 15.10 17.19 -7.77
CA LEU B 252 15.37 16.57 -9.07
C LEU B 252 16.60 15.65 -8.98
N LEU B 253 17.70 16.11 -8.32
CA LEU B 253 18.90 15.26 -8.14
C LEU B 253 18.57 14.02 -7.35
N GLU B 254 17.84 14.17 -6.21
CA GLU B 254 17.41 13.10 -5.34
C GLU B 254 16.58 12.09 -6.13
N ILE B 255 15.65 12.56 -7.00
CA ILE B 255 14.82 11.69 -7.85
C ILE B 255 15.69 10.90 -8.84
N CYS B 256 16.58 11.60 -9.57
CA CYS B 256 17.53 11.06 -10.53
C CYS B 256 18.41 9.98 -9.88
N PHE B 257 18.91 10.25 -8.64
CA PHE B 257 19.76 9.30 -7.91
C PHE B 257 18.98 8.27 -7.05
N ASP B 258 17.70 8.01 -7.40
CA ASP B 258 16.80 7.06 -6.72
C ASP B 258 16.74 7.21 -5.18
N GLY B 259 16.39 8.42 -4.73
CA GLY B 259 16.20 8.75 -3.34
C GLY B 259 17.46 8.87 -2.52
N GLU B 260 18.62 8.95 -3.18
CA GLU B 260 19.92 9.12 -2.54
C GLU B 260 20.40 10.53 -2.91
N ALA B 261 20.11 11.50 -2.06
CA ALA B 261 20.50 12.88 -2.29
C ALA B 261 22.01 13.09 -2.07
N PRO B 262 22.64 14.05 -2.78
CA PRO B 262 24.07 14.30 -2.54
C PRO B 262 24.26 14.88 -1.15
N LEU B 263 25.41 14.61 -0.50
CA LEU B 263 25.81 15.08 0.84
C LEU B 263 25.03 14.47 2.01
N GLN B 264 23.96 13.71 1.74
CA GLN B 264 23.08 13.07 2.72
C GLN B 264 23.78 12.49 3.95
N SER B 265 24.71 11.54 3.72
CA SER B 265 25.49 10.84 4.73
C SER B 265 26.54 11.73 5.43
N ARG B 266 27.19 12.66 4.67
CA ARG B 266 28.21 13.63 5.13
C ARG B 266 27.74 14.44 6.35
N SER B 267 28.66 14.72 7.29
CA SER B 267 28.42 15.37 8.59
C SER B 267 27.91 16.85 8.55
N PRO B 268 27.39 17.41 9.68
CA PRO B 268 26.92 18.82 9.65
C PRO B 268 27.97 19.83 9.23
N SER B 269 29.19 19.67 9.78
CA SER B 269 30.38 20.49 9.54
C SER B 269 30.73 20.47 8.05
N GLU B 270 30.74 19.26 7.42
CA GLU B 270 31.01 19.05 5.98
C GLU B 270 29.94 19.73 5.11
N LYS B 271 28.64 19.57 5.47
CA LYS B 271 27.48 20.14 4.75
C LYS B 271 27.59 21.66 4.78
N GLU B 272 27.87 22.21 5.96
CA GLU B 272 28.03 23.65 6.19
C GLU B 272 29.23 24.20 5.39
N HIS B 273 30.36 23.45 5.42
CA HIS B 273 31.60 23.74 4.71
C HIS B 273 31.38 23.86 3.20
N PHE B 274 30.60 22.91 2.64
CA PHE B 274 30.21 22.87 1.23
C PHE B 274 29.48 24.15 0.79
N TYR B 275 28.54 24.67 1.62
CA TYR B 275 27.77 25.90 1.32
C TYR B 275 28.64 27.14 1.50
N GLN B 276 29.44 27.18 2.60
CA GLN B 276 30.35 28.29 2.92
C GLN B 276 31.37 28.51 1.82
N ARG B 277 31.90 27.43 1.25
CA ARG B 277 32.90 27.52 0.17
C ARG B 277 32.26 27.64 -1.22
N GLN B 278 30.90 27.68 -1.29
CA GLN B 278 30.08 27.82 -2.50
C GLN B 278 30.29 26.72 -3.56
N HIS B 279 30.58 25.46 -3.10
CA HIS B 279 30.71 24.31 -3.99
C HIS B 279 29.34 23.98 -4.61
N ARG B 280 29.34 23.50 -5.83
CA ARG B 280 28.10 23.17 -6.50
CA ARG B 280 28.11 23.16 -6.54
C ARG B 280 27.81 21.67 -6.47
N LEU B 281 26.52 21.31 -6.48
CA LEU B 281 26.08 19.93 -6.40
C LEU B 281 26.30 19.13 -7.71
N PRO B 282 26.42 17.77 -7.64
CA PRO B 282 26.67 16.99 -8.87
C PRO B 282 25.66 17.20 -9.99
N GLU B 283 26.08 16.93 -11.23
CA GLU B 283 25.18 16.98 -12.36
C GLU B 283 24.34 15.68 -12.29
N PRO B 284 23.05 15.70 -12.66
CA PRO B 284 22.29 14.44 -12.59
C PRO B 284 22.75 13.43 -13.65
N SER B 285 22.61 12.12 -13.34
CA SER B 285 22.97 11.04 -14.27
C SER B 285 22.14 11.17 -15.57
N CYS B 286 20.85 11.61 -15.44
CA CYS B 286 19.92 11.88 -16.54
C CYS B 286 20.34 13.16 -17.26
N PRO B 287 20.73 13.11 -18.56
CA PRO B 287 21.14 14.34 -19.25
C PRO B 287 19.99 15.29 -19.59
N GLN B 288 18.74 14.76 -19.64
CA GLN B 288 17.52 15.51 -19.95
C GLN B 288 17.17 16.61 -18.94
N LEU B 289 17.65 16.47 -17.68
CA LEU B 289 17.41 17.42 -16.59
C LEU B 289 18.69 18.18 -16.14
N ALA B 290 19.84 17.90 -16.77
CA ALA B 290 21.13 18.49 -16.43
C ALA B 290 21.17 20.03 -16.50
N THR B 291 20.60 20.64 -17.56
CA THR B 291 20.57 22.10 -17.75
C THR B 291 19.70 22.75 -16.67
N LEU B 292 18.49 22.21 -16.51
CA LEU B 292 17.48 22.63 -15.55
C LEU B 292 18.01 22.65 -14.11
N THR B 293 18.76 21.61 -13.68
CA THR B 293 19.31 21.57 -12.33
C THR B 293 20.46 22.53 -12.14
N SER B 294 21.27 22.76 -13.19
CA SER B 294 22.40 23.69 -13.16
C SER B 294 21.89 25.14 -12.96
N GLN B 295 20.78 25.49 -13.65
CA GLN B 295 20.10 26.79 -13.60
C GLN B 295 19.47 27.06 -12.22
N CYS B 296 18.76 26.05 -11.66
CA CYS B 296 18.06 26.08 -10.36
C CYS B 296 19.01 26.13 -9.18
N LEU B 297 20.14 25.37 -9.25
CA LEU B 297 21.08 25.26 -8.15
C LEU B 297 22.25 26.29 -8.21
N THR B 298 21.88 27.57 -8.46
CA THR B 298 22.83 28.67 -8.42
C THR B 298 22.71 29.41 -7.10
N TYR B 299 23.84 29.89 -6.58
CA TYR B 299 23.91 30.65 -5.34
C TYR B 299 23.30 32.05 -5.45
N GLU B 300 23.08 32.57 -6.68
CA GLU B 300 22.45 33.87 -6.90
C GLU B 300 20.95 33.64 -7.10
N PRO B 301 20.12 33.97 -6.09
CA PRO B 301 18.67 33.64 -6.20
C PRO B 301 17.94 34.22 -7.41
N THR B 302 18.35 35.42 -7.84
CA THR B 302 17.78 36.15 -8.98
C THR B 302 18.06 35.45 -10.33
N GLN B 303 19.18 34.72 -10.41
CA GLN B 303 19.59 33.97 -11.60
C GLN B 303 18.72 32.72 -11.84
N ARG B 304 18.04 32.21 -10.80
CA ARG B 304 17.18 31.02 -10.88
C ARG B 304 15.94 31.27 -11.77
N PRO B 305 15.61 30.35 -12.73
CA PRO B 305 14.46 30.61 -13.62
C PRO B 305 13.10 30.55 -12.91
N SER B 306 12.06 31.14 -13.53
CA SER B 306 10.72 31.07 -12.98
C SER B 306 10.15 29.66 -13.22
N PHE B 307 9.10 29.26 -12.47
CA PHE B 307 8.46 27.97 -12.68
C PHE B 307 7.74 27.91 -14.01
N ARG B 308 7.32 29.07 -14.56
CA ARG B 308 6.69 29.22 -15.87
C ARG B 308 7.66 28.73 -16.94
N THR B 309 8.94 29.13 -16.82
CA THR B 309 10.03 28.73 -17.71
C THR B 309 10.32 27.22 -17.54
N ILE B 310 10.47 26.75 -16.27
CA ILE B 310 10.73 25.34 -15.91
C ILE B 310 9.66 24.41 -16.51
N LEU B 311 8.38 24.76 -16.34
CA LEU B 311 7.21 24.03 -16.86
C LEU B 311 7.25 23.94 -18.40
N ARG B 312 7.54 25.08 -19.06
CA ARG B 312 7.70 25.22 -20.50
C ARG B 312 8.83 24.30 -20.99
N ASP B 313 10.01 24.39 -20.34
CA ASP B 313 11.17 23.56 -20.63
C ASP B 313 10.90 22.06 -20.45
N LEU B 314 10.07 21.69 -19.43
CA LEU B 314 9.71 20.29 -19.17
C LEU B 314 8.83 19.68 -20.25
N THR B 315 8.04 20.47 -21.00
CA THR B 315 7.24 19.93 -22.12
C THR B 315 8.15 19.58 -23.33
N ARG B 316 9.23 20.36 -23.56
CA ARG B 316 10.17 20.19 -24.66
C ARG B 316 11.30 19.25 -24.26
C13 LAJ C . 2.06 -10.18 3.55
C18 LAJ C . -2.28 -16.68 1.98
C17 LAJ C . 1.87 -10.71 5.78
C16 LAJ C . 2.11 -9.41 6.17
C15 LAJ C . 2.35 -8.47 5.19
C11 LAJ C . -0.65 -16.84 5.45
C12 LAJ C . -0.44 -16.59 4.10
C1 LAJ C . 1.16 -14.03 0.24
N1 LAJ C . 1.62 -12.92 -0.39
N2 LAJ C . 1.92 -11.81 0.29
C2 LAJ C . 1.70 -11.77 1.62
C3 LAJ C . 1.17 -12.86 2.32
C4 LAJ C . 0.94 -14.05 1.65
N3 LAJ C . 2.01 -10.57 2.22
N4 LAJ C . 0.60 -15.28 2.31
C5 LAJ C . 0.78 -15.16 -0.67
N5 LAJ C . 1.05 -15.00 -1.96
O1 LAJ C . 0.21 -16.15 -0.22
C6 LAJ C . 0.58 -15.93 -2.97
C7 LAJ C . 0.43 -15.56 3.69
C8 LAJ C . 1.11 -14.83 4.68
C9 LAJ C . 0.87 -15.08 6.02
C10 LAJ C . 0.01 -16.07 6.40
C14 LAJ C . 2.34 -8.84 3.86
N6 LAJ C . 1.85 -11.11 4.49
S1 LAJ C . -1.24 -17.69 2.96
O2 LAJ C . -0.23 -18.25 2.11
O3 LAJ C . -2.06 -18.59 3.70
H16 LAJ C . -3.34 -16.89 2.11
H18 LAJ C . -2.15 -16.76 0.90
H17 LAJ C . -2.22 -15.61 2.18
H15 LAJ C . 1.68 -11.51 6.50
H14 LAJ C . 2.10 -9.14 7.22
H13 LAJ C . 2.53 -7.43 5.47
H11 LAJ C . -1.33 -17.61 5.81
H4 LAJ C . 0.79 -12.72 3.33
H5 LAJ C . 2.25 -9.83 1.59
H6 LAJ C . 0.49 -16.08 1.70
H7 LAJ C . 1.60 -14.22 -2.31
H2 LAJ C . 0.90 -16.95 -2.80
H3 LAJ C . 0.95 -15.64 -3.96
H1 LAJ C . -0.51 -15.95 -3.04
H8 LAJ C . 1.91 -14.14 4.44
H9 LAJ C . 1.37 -14.47 6.78
H10 LAJ C . -0.17 -16.26 7.46
H12 LAJ C . 2.57 -8.10 3.10
S SO4 D . -8.50 2.99 -7.73
O1 SO4 D . -9.18 1.72 -7.89
O2 SO4 D . -9.51 4.06 -7.73
O3 SO4 D . -7.73 2.98 -6.49
O4 SO4 D . -7.57 3.18 -8.85
C13 LAJ E . 1.70 7.13 4.09
C18 LAJ E . 5.41 14.18 4.54
C17 LAJ E . 3.55 6.21 5.12
C16 LAJ E . 3.28 4.96 4.62
C15 LAJ E . 2.15 4.79 3.83
C11 LAJ E . 6.81 11.66 7.08
C12 LAJ E . 5.65 12.22 6.55
C1 LAJ E . 1.15 12.23 4.60
N1 LAJ E . 0.08 11.67 3.98
N2 LAJ E . 0.04 10.35 3.76
C2 LAJ E . 1.07 9.59 4.09
C3 LAJ E . 2.23 10.10 4.67
C4 LAJ E . 2.28 11.45 5.00
N3 LAJ E . 0.93 8.22 3.79
N4 LAJ E . 3.34 12.04 5.77
C5 LAJ E . 1.11 13.73 4.71
N5 LAJ E . -0.01 14.31 4.30
O1 LAJ E . 2.08 14.36 5.11
C6 LAJ E . -0.12 15.76 4.17
C7 LAJ E . 4.49 11.45 6.34
C8 LAJ E . 4.53 10.11 6.72
C9 LAJ E . 5.69 9.55 7.23
C10 LAJ E . 6.81 10.32 7.41
C14 LAJ E . 1.32 5.87 3.56
N6 LAJ E . 2.78 7.28 4.87
S1 LAJ E . 5.70 13.98 6.26
O2 LAJ E . 4.62 14.57 6.98
O3 LAJ E . 7.03 14.44 6.54
H16 LAJ E . 6.26 14.60 4.01
H18 LAJ E . 4.59 14.85 4.28
H17 LAJ E . 5.18 13.26 4.00
H15 LAJ E . 4.41 6.42 5.75
H14 LAJ E . 3.94 4.11 4.83
H13 LAJ E . 1.90 3.82 3.41
H11 LAJ E . 7.72 12.24 7.24
H4 LAJ E . 3.14 9.51 4.71
H5 LAJ E . 0.09 8.01 3.26
H6 LAJ E . 3.23 13.02 5.97
H7 LAJ E . -0.84 13.79 4.04
H2 LAJ E . 0.10 16.29 5.10
H3 LAJ E . -1.13 16.05 3.88
H1 LAJ E . 0.55 16.16 3.42
H8 LAJ E . 3.63 9.49 6.76
H9 LAJ E . 5.71 8.49 7.48
H10 LAJ E . 7.73 9.87 7.81
H12 LAJ E . 0.42 5.73 2.98
S SO4 F . -1.72 2.68 -8.19
O1 SO4 F . -2.86 3.04 -9.05
O2 SO4 F . -1.98 3.19 -6.85
O3 SO4 F . -0.51 3.23 -8.82
O4 SO4 F . -1.51 1.24 -8.10
#